data_1TON
#
_entry.id   1TON
#
_cell.length_a   48.580
_cell.length_b   48.580
_cell.length_c   200.200
_cell.angle_alpha   90.00
_cell.angle_beta   90.00
_cell.angle_gamma   90.00
#
_symmetry.space_group_name_H-M   'P 43 21 2'
#
loop_
_entity.id
_entity.type
_entity.pdbx_description
1 polymer TONIN
2 non-polymer 'ZINC ION'
3 water water
#
_entity_poly.entity_id   1
_entity_poly.type   'polypeptide(L)'
_entity_poly.pdbx_seq_one_letter_code
;IVGGYKCEKNSQPWQVAVINEYLCGGVLIDPSWVITAAHCYSNNYQVLLGRNNLFKDEPFAQRRLVRQSFRHPDYIPLIV
TNDTEQPVHDHSNDLMLLHLSEPADITGGVKVIDLPTKEPKVGSTCLASGWGSTNPSEMVVSHDLQCVNIHLLSNEKCIE
TYKDNVTDVMLCAGEMEGGKDTCAGDSGGPLICDGVLQGITSGGATPCAKPKTPAIYAKLIKFTSWIKKVMKENP
;
_entity_poly.pdbx_strand_id   A
#
loop_
_chem_comp.id
_chem_comp.type
_chem_comp.name
_chem_comp.formula
ZN non-polymer 'ZINC ION' 'Zn 2'
#
# COMPACT_ATOMS: atom_id res chain seq x y z
N ILE A 1 -7.30 3.80 7.54
CA ILE A 1 -8.08 4.69 6.64
C ILE A 1 -8.95 5.54 7.54
N VAL A 2 -8.71 6.84 7.46
CA VAL A 2 -9.46 7.87 8.18
C VAL A 2 -10.52 8.39 7.19
N GLY A 3 -11.75 8.48 7.66
CA GLY A 3 -12.85 9.03 6.88
C GLY A 3 -13.35 8.21 5.73
N GLY A 4 -13.06 6.92 5.74
CA GLY A 4 -13.52 6.03 4.63
C GLY A 4 -14.69 5.19 5.18
N TYR A 5 -15.02 4.19 4.39
CA TYR A 5 -16.10 3.25 4.69
C TYR A 5 -15.58 1.82 4.59
N LYS A 6 -16.44 0.91 5.04
CA LYS A 6 -16.13 -0.52 5.00
C LYS A 6 -16.17 -0.99 3.55
N CYS A 7 -15.12 -1.63 3.10
CA CYS A 7 -15.11 -2.15 1.71
C CYS A 7 -16.15 -3.27 1.62
N GLU A 8 -16.74 -3.43 0.46
CA GLU A 8 -17.70 -4.53 0.28
C GLU A 8 -16.91 -5.84 0.34
N LYS A 9 -17.59 -6.86 0.83
CA LYS A 9 -16.95 -8.17 1.02
C LYS A 9 -16.27 -8.60 -0.27
N ASN A 10 -15.02 -8.97 -0.11
CA ASN A 10 -14.16 -9.45 -1.18
C ASN A 10 -14.23 -8.57 -2.43
N SER A 11 -14.16 -7.28 -2.25
CA SER A 11 -14.17 -6.34 -3.40
C SER A 11 -12.75 -5.89 -3.71
N GLN A 12 -11.83 -6.25 -2.81
CA GLN A 12 -10.40 -5.89 -3.00
C GLN A 12 -9.57 -7.16 -2.81
N PRO A 13 -9.79 -8.14 -3.67
CA PRO A 13 -9.15 -9.45 -3.58
C PRO A 13 -7.65 -9.46 -3.60
N TRP A 14 -7.01 -8.39 -4.10
CA TRP A 14 -5.54 -8.31 -4.16
C TRP A 14 -4.99 -7.70 -2.88
N GLN A 15 -5.87 -7.22 -2.00
CA GLN A 15 -5.40 -6.59 -0.74
C GLN A 15 -4.94 -7.67 0.23
N VAL A 16 -3.74 -7.55 0.78
CA VAL A 16 -3.28 -8.54 1.80
C VAL A 16 -2.94 -7.80 3.08
N ALA A 17 -2.83 -8.54 4.18
CA ALA A 17 -2.33 -7.95 5.45
C ALA A 17 -0.94 -8.57 5.68
N VAL A 18 0.05 -7.71 5.87
CA VAL A 18 1.43 -8.11 6.13
C VAL A 18 1.67 -7.82 7.64
N ILE A 19 1.98 -8.93 8.30
CA ILE A 19 2.16 -8.85 9.76
C ILE A 19 3.43 -9.44 10.28
N ASN A 20 4.01 -8.66 11.19
CA ASN A 20 5.24 -8.89 11.96
C ASN A 20 5.07 -7.97 13.18
N GLU A 21 6.12 -7.22 13.53
CA GLU A 21 5.85 -6.30 14.71
C GLU A 21 5.07 -5.09 14.23
N TYR A 22 4.78 -5.04 12.91
CA TYR A 22 4.01 -3.95 12.34
C TYR A 22 2.78 -4.50 11.58
N LEU A 23 1.76 -3.67 11.52
CA LEU A 23 0.58 -4.03 10.67
C LEU A 23 0.88 -3.22 9.39
N CYS A 24 0.78 -3.86 8.27
CA CYS A 24 0.95 -3.19 6.97
C CYS A 24 -0.10 -3.83 5.99
N GLY A 25 -0.26 -3.10 4.90
CA GLY A 25 -1.09 -3.57 3.79
C GLY A 25 0.03 -4.15 2.83
N GLY A 26 -0.43 -4.79 1.83
CA GLY A 26 0.35 -5.46 0.78
C GLY A 26 -0.62 -5.57 -0.42
N VAL A 27 -0.02 -5.91 -1.57
CA VAL A 27 -0.84 -6.06 -2.79
C VAL A 27 -0.34 -7.24 -3.59
N LEU A 28 -1.25 -8.15 -3.93
CA LEU A 28 -0.92 -9.33 -4.70
C LEU A 28 -0.80 -9.02 -6.20
N ILE A 29 0.43 -9.22 -6.68
CA ILE A 29 0.71 -8.92 -8.10
C ILE A 29 1.03 -10.21 -8.84
N ASP A 30 1.18 -11.26 -8.11
CA ASP A 30 1.45 -12.61 -8.68
C ASP A 30 1.15 -13.59 -7.53
N PRO A 31 0.75 -14.76 -7.92
CA PRO A 31 0.42 -15.80 -6.94
C PRO A 31 1.57 -15.90 -5.96
N SER A 32 2.77 -15.56 -6.46
CA SER A 32 3.96 -15.66 -5.64
C SER A 32 4.63 -14.40 -5.13
N TRP A 33 4.12 -13.24 -5.48
CA TRP A 33 4.71 -11.96 -5.09
C TRP A 33 3.68 -10.98 -4.50
N VAL A 34 4.13 -10.30 -3.48
CA VAL A 34 3.37 -9.25 -2.80
C VAL A 34 4.26 -7.99 -2.75
N ILE A 35 3.64 -6.88 -3.17
CA ILE A 35 4.37 -5.59 -3.06
C ILE A 35 3.82 -4.94 -1.78
N THR A 36 4.71 -4.28 -1.08
CA THR A 36 4.39 -3.63 0.19
C THR A 36 5.37 -2.49 0.37
N ALA A 37 5.32 -1.81 1.49
CA ALA A 37 6.28 -0.70 1.77
C ALA A 37 7.51 -1.29 2.46
N ALA A 38 8.64 -0.61 2.18
CA ALA A 38 9.93 -1.01 2.78
C ALA A 38 9.92 -0.83 4.28
N HIS A 39 9.14 0.09 4.78
CA HIS A 39 8.96 0.41 6.19
C HIS A 39 8.54 -0.81 7.00
N CYS A 40 7.89 -1.77 6.37
CA CYS A 40 7.33 -2.95 7.00
C CYS A 40 8.35 -4.09 7.09
N TYR A 41 9.56 -3.71 6.76
CA TYR A 41 10.69 -4.67 6.71
C TYR A 41 10.89 -5.26 8.12
N SER A 42 11.07 -6.57 8.12
CA SER A 42 11.31 -7.33 9.33
C SER A 42 11.93 -8.68 8.97
N ASN A 43 12.40 -9.36 10.01
CA ASN A 43 13.00 -10.69 9.80
C ASN A 43 11.85 -11.62 9.36
N ASN A 44 10.71 -11.50 10.02
CA ASN A 44 9.59 -12.38 9.61
C ASN A 44 8.31 -11.61 9.30
N TYR A 45 7.40 -12.38 8.71
CA TYR A 45 6.08 -11.95 8.26
C TYR A 45 5.09 -13.13 8.24
N GLN A 46 3.83 -12.74 8.27
CA GLN A 46 2.69 -13.65 8.10
C GLN A 46 1.84 -12.87 7.06
N VAL A 47 1.55 -13.53 5.96
CA VAL A 47 0.74 -12.82 4.96
C VAL A 47 -0.68 -13.39 4.97
N LEU A 48 -1.62 -12.47 5.18
CA LEU A 48 -3.04 -12.78 5.17
C LEU A 48 -3.68 -12.32 3.87
N LEU A 49 -4.29 -13.33 3.23
CA LEU A 49 -5.00 -13.09 1.98
C LEU A 49 -6.46 -13.49 2.12
N GLY A 50 -7.28 -12.93 1.23
CA GLY A 50 -8.70 -13.26 1.14
C GLY A 50 -9.52 -12.86 2.33
N ARG A 51 -9.11 -11.81 3.04
CA ARG A 51 -9.82 -11.37 4.25
C ARG A 51 -10.49 -10.01 4.13
N ASN A 52 -11.56 -9.89 4.92
CA ASN A 52 -12.35 -8.63 5.03
C ASN A 52 -12.09 -8.14 6.47
N ASN A 53 -12.45 -9.09 7.37
CA ASN A 53 -12.29 -8.91 8.80
C ASN A 53 -11.02 -9.65 9.22
N LEU A 54 -10.10 -8.90 9.78
CA LEU A 54 -8.80 -9.43 10.22
C LEU A 54 -8.90 -10.47 11.33
N PHE A 55 -9.93 -10.35 12.13
CA PHE A 55 -10.15 -11.26 13.28
C PHE A 55 -11.41 -12.11 13.10
N LYS A 56 -11.60 -12.68 11.94
CA LYS A 56 -12.80 -13.51 11.68
C LYS A 56 -12.50 -14.81 10.97
N ASP A 57 -13.42 -15.78 11.10
CA ASP A 57 -13.29 -17.06 10.37
C ASP A 57 -13.94 -16.81 8.98
N GLU A 58 -13.07 -16.55 8.02
CA GLU A 58 -13.44 -16.27 6.65
C GLU A 58 -13.07 -17.38 5.69
N PRO A 59 -13.91 -17.56 4.66
CA PRO A 59 -13.81 -18.63 3.69
C PRO A 59 -12.68 -18.55 2.69
N PHE A 60 -12.38 -17.34 2.22
CA PHE A 60 -11.26 -17.27 1.23
C PHE A 60 -9.96 -16.99 1.97
N ALA A 61 -10.02 -17.00 3.30
CA ALA A 61 -8.82 -16.71 4.10
C ALA A 61 -7.68 -17.65 3.75
N GLN A 62 -6.50 -17.03 3.56
CA GLN A 62 -5.27 -17.79 3.30
C GLN A 62 -4.14 -17.13 4.13
N ARG A 63 -3.15 -17.93 4.43
CA ARG A 63 -1.99 -17.37 5.13
C ARG A 63 -0.77 -17.94 4.44
N ARG A 64 0.13 -17.01 4.13
CA ARG A 64 1.40 -17.45 3.50
C ARG A 64 2.57 -16.94 4.32
N LEU A 65 3.65 -17.68 4.14
CA LEU A 65 4.95 -17.30 4.72
C LEU A 65 5.75 -16.67 3.57
N VAL A 66 6.78 -15.98 3.99
CA VAL A 66 7.66 -15.27 3.03
C VAL A 66 8.99 -16.06 2.96
N ARG A 67 9.54 -16.17 1.80
CA ARG A 67 10.80 -16.90 1.60
C ARG A 67 11.97 -15.92 1.58
N GLN A 68 11.67 -14.77 0.99
CA GLN A 68 12.61 -13.70 0.73
C GLN A 68 11.93 -12.35 0.48
N SER A 69 12.55 -11.30 0.99
CA SER A 69 12.13 -9.93 0.84
C SER A 69 13.25 -9.12 0.12
N PHE A 70 12.78 -8.20 -0.69
CA PHE A 70 13.62 -7.32 -1.49
C PHE A 70 13.12 -5.87 -1.35
N ARG A 71 13.91 -5.15 -0.61
CA ARG A 71 13.60 -3.70 -0.37
C ARG A 71 14.20 -2.96 -1.55
N HIS A 72 13.54 -1.90 -2.00
CA HIS A 72 14.13 -1.18 -3.17
C HIS A 72 15.52 -0.73 -2.69
N PRO A 73 16.53 -0.85 -3.50
CA PRO A 73 17.89 -0.51 -3.20
C PRO A 73 18.13 0.88 -2.59
N ASP A 74 17.35 1.86 -3.03
CA ASP A 74 17.52 3.28 -2.72
C ASP A 74 16.75 3.67 -1.48
N TYR A 75 16.02 2.71 -0.91
CA TYR A 75 15.30 3.07 0.35
C TYR A 75 16.34 3.25 1.46
N ILE A 76 16.23 4.35 2.19
CA ILE A 76 17.06 4.65 3.34
C ILE A 76 16.19 4.44 4.61
N PRO A 77 16.52 3.41 5.33
CA PRO A 77 15.78 3.07 6.55
C PRO A 77 15.84 4.13 7.64
N LEU A 78 14.73 4.12 8.38
CA LEU A 78 14.62 4.94 9.63
C LEU A 78 15.60 4.15 10.58
N ILE A 79 16.66 4.66 10.90
N PRO A 87 22.54 8.90 7.87
CA PRO A 87 21.88 9.06 6.54
C PRO A 87 20.39 9.27 6.82
N VAL A 88 19.89 10.39 6.30
CA VAL A 88 18.51 10.80 6.50
C VAL A 88 17.48 10.04 5.62
N HIS A 89 16.63 9.41 6.41
CA HIS A 89 15.48 8.63 6.04
C HIS A 89 14.42 9.52 5.38
N ASP A 90 13.86 9.05 4.28
CA ASP A 90 12.75 9.81 3.66
C ASP A 90 11.80 8.69 3.19
N HIS A 91 10.75 9.14 2.60
CA HIS A 91 9.73 8.13 2.12
C HIS A 91 9.81 7.89 0.66
N SER A 92 10.87 8.30 -0.03
CA SER A 92 11.07 8.00 -1.44
C SER A 92 11.58 6.56 -1.49
N ASN A 93 11.18 5.83 -2.49
CA ASN A 93 11.55 4.46 -2.77
C ASN A 93 11.09 3.45 -1.75
N ASP A 94 10.00 3.82 -1.08
CA ASP A 94 9.42 2.98 0.00
C ASP A 94 8.67 1.79 -0.62
N LEU A 95 9.48 0.84 -1.12
CA LEU A 95 8.90 -0.32 -1.82
C LEU A 95 9.68 -1.55 -1.40
N MET A 96 8.94 -2.62 -1.23
CA MET A 96 9.56 -3.93 -0.89
C MET A 96 8.75 -5.05 -1.51
N LEU A 97 9.43 -6.01 -2.15
CA LEU A 97 8.81 -7.20 -2.69
C LEU A 97 9.01 -8.38 -1.73
N LEU A 98 7.92 -9.12 -1.51
CA LEU A 98 7.82 -10.32 -0.72
C LEU A 98 7.50 -11.50 -1.71
N HIS A 99 8.46 -12.40 -1.69
CA HIS A 99 8.41 -13.66 -2.41
C HIS A 99 7.82 -14.69 -1.46
N LEU A 100 6.62 -15.14 -1.78
CA LEU A 100 5.88 -16.06 -0.88
C LEU A 100 6.48 -17.47 -0.90
N SER A 101 6.42 -18.05 0.25
CA SER A 101 6.88 -19.40 0.58
C SER A 101 6.27 -20.35 -0.44
N GLU A 102 4.96 -20.23 -0.55
CA GLU A 102 4.18 -21.02 -1.51
C GLU A 102 3.05 -20.08 -2.01
N PRO A 103 2.77 -20.21 -3.31
CA PRO A 103 1.79 -19.38 -3.96
C PRO A 103 0.44 -19.32 -3.28
N ALA A 104 -0.20 -18.14 -3.46
CA ALA A 104 -1.56 -17.92 -3.01
C ALA A 104 -2.50 -18.66 -4.01
N ASP A 105 -3.59 -19.18 -3.49
CA ASP A 105 -4.63 -19.79 -4.32
C ASP A 105 -5.45 -18.61 -4.91
N ILE A 106 -5.65 -18.68 -6.20
CA ILE A 106 -6.48 -17.67 -6.90
C ILE A 106 -7.91 -18.22 -6.88
N THR A 107 -8.63 -17.61 -5.93
CA THR A 107 -10.00 -17.98 -5.61
C THR A 107 -10.92 -16.78 -5.87
N GLY A 108 -12.15 -16.97 -5.44
CA GLY A 108 -13.19 -15.94 -5.55
C GLY A 108 -12.97 -14.81 -4.58
N GLY A 109 -11.88 -14.93 -3.80
CA GLY A 109 -11.57 -13.90 -2.78
C GLY A 109 -10.17 -13.37 -2.91
N VAL A 110 -9.34 -14.12 -3.63
CA VAL A 110 -7.91 -13.83 -3.76
C VAL A 110 -7.60 -13.88 -5.25
N LYS A 111 -7.15 -12.73 -5.69
CA LYS A 111 -6.85 -12.43 -7.09
C LYS A 111 -5.70 -11.44 -7.15
N VAL A 112 -5.01 -11.46 -8.29
CA VAL A 112 -3.87 -10.52 -8.47
C VAL A 112 -4.42 -9.26 -9.12
N ILE A 113 -3.65 -8.18 -9.04
CA ILE A 113 -4.05 -6.91 -9.75
C ILE A 113 -2.88 -6.62 -10.66
N ASP A 114 -3.09 -5.89 -11.75
CA ASP A 114 -2.01 -5.64 -12.71
C ASP A 114 -1.14 -4.42 -12.39
N LEU A 115 0.09 -4.51 -12.93
CA LEU A 115 0.99 -3.31 -12.74
C LEU A 115 0.41 -2.28 -13.73
N PRO A 116 0.62 -1.01 -13.42
CA PRO A 116 0.12 0.09 -14.29
C PRO A 116 0.99 0.19 -15.52
N THR A 117 0.37 0.67 -16.58
CA THR A 117 1.06 0.80 -17.89
C THR A 117 0.95 2.21 -18.47
N LYS A 118 0.35 3.08 -17.67
CA LYS A 118 0.14 4.48 -17.98
C LYS A 118 0.23 5.33 -16.70
N GLU A 119 0.72 6.53 -16.96
CA GLU A 119 0.91 7.61 -15.99
C GLU A 119 -0.41 8.12 -15.44
N PRO A 120 -0.47 8.25 -14.12
CA PRO A 120 -1.68 8.72 -13.44
C PRO A 120 -1.99 10.18 -13.75
N LYS A 121 -3.27 10.51 -13.82
CA LYS A 121 -3.71 11.88 -14.12
C LYS A 121 -4.07 12.66 -12.86
N VAL A 122 -3.40 13.82 -12.69
CA VAL A 122 -3.75 14.67 -11.52
C VAL A 122 -5.28 14.91 -11.64
N GLY A 123 -5.95 14.81 -10.51
CA GLY A 123 -7.36 15.00 -10.37
C GLY A 123 -8.20 13.74 -10.51
N SER A 124 -7.59 12.64 -10.96
CA SER A 124 -8.34 11.37 -11.08
C SER A 124 -8.77 10.95 -9.67
N THR A 125 -9.82 10.15 -9.64
CA THR A 125 -10.35 9.68 -8.35
C THR A 125 -9.70 8.33 -8.01
N CYS A 126 -9.19 8.34 -6.78
CA CYS A 126 -8.45 7.13 -6.33
C CYS A 126 -9.10 6.59 -5.08
N LEU A 127 -8.92 5.27 -4.95
CA LEU A 127 -9.38 4.55 -3.78
C LEU A 127 -8.10 3.93 -3.11
N ALA A 128 -8.20 3.99 -1.80
CA ALA A 128 -7.16 3.40 -0.93
C ALA A 128 -7.87 2.56 0.10
N SER A 129 -7.27 1.46 0.51
CA SER A 129 -7.87 0.51 1.47
C SER A 129 -6.82 0.14 2.50
N GLY A 130 -7.32 -0.36 3.65
CA GLY A 130 -6.36 -0.79 4.69
C GLY A 130 -7.10 -1.12 5.99
N TRP A 131 -6.27 -1.67 6.89
CA TRP A 131 -6.86 -1.93 8.25
C TRP A 131 -6.25 -0.98 9.25
N GLY A 132 -5.52 0.03 8.73
CA GLY A 132 -4.89 1.06 9.54
C GLY A 132 -5.93 1.94 10.27
N SER A 133 -5.36 2.84 11.08
CA SER A 133 -6.05 3.79 11.90
C SER A 133 -7.08 4.66 11.20
N THR A 134 -8.25 4.56 11.81
CA THR A 134 -9.49 5.25 11.52
C THR A 134 -9.65 6.52 12.36
N ASN A 135 -8.73 6.71 13.29
CA ASN A 135 -8.65 7.93 14.14
C ASN A 135 -7.34 8.62 13.75
N PRO A 136 -7.43 9.88 13.34
CA PRO A 136 -6.27 10.61 12.83
C PRO A 136 -5.17 10.96 13.82
N SER A 137 -5.51 11.00 15.11
CA SER A 137 -4.56 11.37 16.15
C SER A 137 -3.98 10.18 16.89
N GLU A 138 -4.71 9.10 17.04
CA GLU A 138 -4.18 7.89 17.69
C GLU A 138 -4.55 6.66 16.86
N MET A 139 -3.75 5.60 17.04
CA MET A 139 -3.84 4.33 16.35
C MET A 139 -4.86 3.31 16.86
N VAL A 140 -5.88 3.15 16.06
CA VAL A 140 -6.99 2.24 16.26
C VAL A 140 -7.00 1.27 15.06
N VAL A 141 -6.57 0.06 15.33
CA VAL A 141 -6.59 -0.97 14.25
C VAL A 141 -8.07 -1.24 13.91
N SER A 142 -8.39 -1.23 12.64
CA SER A 142 -9.75 -1.53 12.14
C SER A 142 -9.83 -3.02 11.81
N HIS A 143 -10.84 -3.68 12.33
CA HIS A 143 -10.99 -5.15 12.08
C HIS A 143 -11.35 -5.38 10.62
N ASP A 144 -12.30 -4.58 10.17
CA ASP A 144 -12.78 -4.64 8.78
C ASP A 144 -11.94 -3.77 7.85
N LEU A 145 -11.76 -4.29 6.64
CA LEU A 145 -11.01 -3.53 5.61
C LEU A 145 -11.85 -2.25 5.34
N GLN A 146 -11.17 -1.15 5.35
CA GLN A 146 -11.74 0.17 5.09
C GLN A 146 -11.29 0.62 3.69
N CYS A 147 -12.15 1.38 3.09
CA CYS A 147 -11.97 1.94 1.74
C CYS A 147 -12.27 3.43 1.81
N VAL A 148 -11.51 4.22 1.09
CA VAL A 148 -11.71 5.65 1.00
C VAL A 148 -11.40 6.15 -0.43
N ASN A 149 -12.29 7.05 -0.87
CA ASN A 149 -12.06 7.64 -2.23
C ASN A 149 -11.42 8.99 -2.01
N ILE A 150 -10.23 9.15 -2.56
CA ILE A 150 -9.53 10.44 -2.49
C ILE A 150 -9.20 10.86 -3.94
N HIS A 151 -8.45 11.91 -4.07
CA HIS A 151 -8.04 12.45 -5.34
C HIS A 151 -6.52 12.48 -5.53
N LEU A 152 -6.15 12.31 -6.81
CA LEU A 152 -4.72 12.41 -7.15
C LEU A 152 -4.48 13.93 -7.28
N LEU A 153 -3.64 14.43 -6.39
CA LEU A 153 -3.31 15.85 -6.30
C LEU A 153 -1.96 16.14 -6.97
N SER A 154 -1.77 17.43 -7.20
CA SER A 154 -0.45 17.84 -7.81
C SER A 154 0.62 17.59 -6.70
N ASN A 155 1.76 17.12 -7.16
CA ASN A 155 2.92 16.85 -6.29
C ASN A 155 3.34 18.15 -5.59
N GLU A 156 2.93 19.23 -6.20
CA GLU A 156 3.19 20.58 -5.64
C GLU A 156 2.55 20.73 -4.26
N LYS A 157 1.45 20.00 -4.05
CA LYS A 157 0.70 20.01 -2.82
C LYS A 157 1.38 19.28 -1.70
N CYS A 158 2.25 18.32 -2.03
CA CYS A 158 3.01 17.52 -1.08
C CYS A 158 4.47 18.05 -0.98
N ILE A 159 4.73 18.50 0.21
CA ILE A 159 5.98 19.14 0.59
C ILE A 159 7.18 18.22 0.46
N GLU A 160 6.97 16.95 0.72
CA GLU A 160 8.03 15.93 0.61
C GLU A 160 8.66 15.77 -0.76
N THR A 161 7.89 16.02 -1.81
CA THR A 161 8.26 15.88 -3.19
C THR A 161 9.29 16.91 -3.67
N TYR A 162 9.55 17.94 -2.94
CA TYR A 162 10.45 19.02 -3.32
C TYR A 162 11.89 18.63 -3.07
N LYS A 163 12.09 17.55 -2.32
CA LYS A 163 13.47 17.13 -1.99
C LYS A 163 14.12 16.52 -3.22
N ASP A 164 15.44 16.76 -3.29
CA ASP A 164 16.28 16.21 -4.37
C ASP A 164 15.50 16.31 -5.70
N ASN A 165 15.24 15.11 -6.19
CA ASN A 165 14.40 14.88 -7.37
C ASN A 165 13.39 13.77 -6.98
N VAL A 166 13.02 13.73 -5.70
CA VAL A 166 12.08 12.67 -5.31
C VAL A 166 10.72 12.88 -5.97
N THR A 167 10.49 14.07 -6.50
CA THR A 167 9.14 14.33 -7.08
C THR A 167 8.82 13.22 -8.09
N ASP A 168 9.84 12.94 -8.86
CA ASP A 168 9.88 11.93 -9.90
C ASP A 168 9.24 10.62 -9.46
N VAL A 169 9.56 10.07 -8.28
CA VAL A 169 9.06 8.80 -7.83
C VAL A 169 7.89 8.83 -6.83
N MET A 170 7.22 9.93 -6.74
CA MET A 170 6.13 10.09 -5.78
C MET A 170 4.84 10.60 -6.41
N LEU A 171 3.76 10.14 -5.80
CA LEU A 171 2.43 10.66 -6.12
C LEU A 171 2.00 11.29 -4.77
N CYS A 172 1.08 12.20 -4.90
CA CYS A 172 0.49 12.99 -3.83
C CYS A 172 -1.03 12.84 -3.92
N ALA A 173 -1.66 12.36 -2.85
CA ALA A 173 -3.13 12.16 -2.89
C ALA A 173 -3.74 12.37 -1.53
N GLY A 174 -5.00 12.74 -1.56
CA GLY A 174 -5.87 12.97 -0.39
C GLY A 174 -6.87 14.10 -0.77
N GLU A 175 -7.23 14.82 0.29
CA GLU A 175 -8.16 15.98 0.07
C GLU A 175 -7.60 17.14 0.85
N MET A 176 -7.48 18.26 0.16
CA MET A 176 -6.91 19.49 0.76
C MET A 176 -7.65 19.88 2.03
N GLU A 177 -8.91 19.49 2.06
CA GLU A 177 -9.80 19.79 3.19
C GLU A 177 -9.49 18.91 4.39
N GLY A 178 -8.80 17.81 4.14
CA GLY A 178 -8.48 16.83 5.23
C GLY A 178 -9.70 15.92 5.41
N GLY A 179 -9.68 15.10 6.45
CA GLY A 179 -10.80 14.23 6.80
C GLY A 179 -10.75 12.84 6.21
N LYS A 180 -10.01 12.73 5.09
CA LYS A 180 -9.84 11.45 4.39
C LYS A 180 -8.32 11.32 4.13
N ASP A 181 -7.77 10.22 4.53
CA ASP A 181 -6.38 9.85 4.41
C ASP A 181 -6.16 8.37 4.75
N THR A 182 -4.92 7.96 4.38
CA THR A 182 -4.37 6.66 4.76
C THR A 182 -3.73 7.02 6.13
N CYS A 183 -3.53 6.04 6.96
CA CYS A 183 -2.98 6.37 8.31
C CYS A 183 -2.11 5.19 8.74
N ALA A 184 -1.69 5.24 9.98
CA ALA A 184 -0.78 4.21 10.54
C ALA A 184 -1.41 2.83 10.44
N GLY A 185 -0.64 1.87 9.87
CA GLY A 185 -1.17 0.52 9.63
C GLY A 185 -1.55 0.31 8.17
N ASP A 186 -1.71 1.41 7.44
CA ASP A 186 -2.09 1.33 6.01
C ASP A 186 -0.88 1.24 5.08
N SER A 187 0.31 1.50 5.50
CA SER A 187 1.51 1.47 4.68
C SER A 187 1.60 0.21 3.84
N GLY A 188 1.93 0.33 2.56
CA GLY A 188 2.07 -0.92 1.75
C GLY A 188 0.81 -1.30 1.06
N GLY A 189 -0.32 -0.68 1.44
CA GLY A 189 -1.59 -1.02 0.68
C GLY A 189 -1.56 -0.22 -0.62
N PRO A 190 -2.63 -0.47 -1.42
CA PRO A 190 -2.81 0.16 -2.70
C PRO A 190 -3.50 1.50 -2.79
N LEU A 191 -3.19 2.08 -3.99
CA LEU A 191 -3.82 3.39 -4.36
C LEU A 191 -4.26 3.15 -5.80
N ILE A 192 -5.56 3.05 -6.00
CA ILE A 192 -6.09 2.70 -7.33
C ILE A 192 -6.81 3.84 -7.99
N CYS A 193 -6.24 4.37 -9.08
CA CYS A 193 -6.96 5.57 -9.67
C CYS A 193 -7.59 5.17 -10.99
N ASP A 194 -8.86 5.53 -11.13
CA ASP A 194 -9.58 5.17 -12.37
C ASP A 194 -9.44 3.67 -12.64
N GLY A 195 -9.42 2.87 -11.57
CA GLY A 195 -9.34 1.40 -11.78
C GLY A 195 -7.98 0.83 -11.94
N VAL A 196 -6.96 1.67 -11.95
CA VAL A 196 -5.56 1.20 -12.04
C VAL A 196 -4.84 1.25 -10.68
N LEU A 197 -3.93 0.26 -10.48
CA LEU A 197 -3.10 0.30 -9.23
C LEU A 197 -1.97 1.29 -9.54
N GLN A 198 -1.96 2.41 -8.89
CA GLN A 198 -0.92 3.43 -9.28
C GLN A 198 0.07 3.70 -8.16
N GLY A 199 -0.32 3.46 -6.96
CA GLY A 199 0.63 3.81 -5.83
C GLY A 199 0.61 2.76 -4.76
N ILE A 200 1.63 2.97 -3.90
CA ILE A 200 1.79 2.11 -2.70
C ILE A 200 1.84 3.10 -1.54
N THR A 201 0.99 2.86 -0.57
CA THR A 201 0.97 3.80 0.60
C THR A 201 2.31 3.78 1.34
N SER A 202 2.85 4.96 1.62
CA SER A 202 4.11 5.05 2.36
C SER A 202 3.80 5.14 3.86
N GLY A 203 4.79 5.55 4.63
CA GLY A 203 4.66 5.68 6.09
C GLY A 203 3.54 6.66 6.42
N GLY A 204 2.60 6.28 7.28
CA GLY A 204 1.47 7.16 7.66
C GLY A 204 1.33 7.36 9.16
N ALA A 205 2.34 8.02 9.73
CA ALA A 205 2.38 8.34 11.18
C ALA A 205 1.26 9.27 11.55
N THR A 206 0.82 9.19 12.80
CA THR A 206 -0.24 10.13 13.28
C THR A 206 0.52 11.44 13.53
N PRO A 207 -0.10 12.57 13.27
CA PRO A 207 -1.47 12.75 12.83
C PRO A 207 -1.70 12.68 11.33
N CYS A 208 -2.84 12.12 10.98
CA CYS A 208 -3.31 11.98 9.60
C CYS A 208 -4.50 12.91 9.36
N ALA A 209 -4.84 12.98 8.10
CA ALA A 209 -6.02 13.67 7.57
C ALA A 209 -6.07 15.13 7.92
N LYS A 210 -4.88 15.69 8.05
CA LYS A 210 -4.71 17.13 8.32
C LYS A 210 -5.07 17.89 7.06
N PRO A 211 -5.78 19.01 7.26
CA PRO A 211 -6.16 19.88 6.15
C PRO A 211 -4.89 20.37 5.48
N LYS A 212 -4.96 20.43 4.16
CA LYS A 212 -3.84 20.93 3.37
C LYS A 212 -2.61 20.06 3.50
N THR A 213 -2.79 18.79 3.87
CA THR A 213 -1.62 17.88 3.99
C THR A 213 -1.93 16.52 3.41
N PRO A 214 -1.86 16.43 2.09
CA PRO A 214 -2.08 15.19 1.34
C PRO A 214 -0.89 14.28 1.66
N ALA A 215 -1.02 13.04 1.29
CA ALA A 215 0.02 12.03 1.63
C ALA A 215 0.81 11.64 0.43
N ILE A 216 1.90 10.97 0.70
CA ILE A 216 2.86 10.44 -0.27
C ILE A 216 2.61 8.95 -0.53
N TYR A 217 2.73 8.59 -1.79
CA TYR A 217 2.58 7.24 -2.33
C TYR A 217 3.67 7.01 -3.37
N ALA A 218 4.17 5.79 -3.44
CA ALA A 218 5.20 5.42 -4.41
C ALA A 218 4.57 5.37 -5.79
N LYS A 219 5.16 6.11 -6.69
CA LYS A 219 4.69 6.11 -8.11
C LYS A 219 5.16 4.80 -8.76
N LEU A 220 4.26 3.82 -8.74
CA LEU A 220 4.51 2.45 -9.10
C LEU A 220 5.11 2.32 -10.47
N ILE A 221 4.51 3.12 -11.34
CA ILE A 221 4.89 3.16 -12.76
C ILE A 221 6.38 3.25 -12.89
N LYS A 222 7.04 3.95 -11.97
CA LYS A 222 8.48 4.13 -11.98
C LYS A 222 9.30 2.98 -11.44
N PHE A 223 8.67 1.93 -10.95
CA PHE A 223 9.40 0.79 -10.34
C PHE A 223 9.12 -0.56 -10.97
N THR A 224 8.25 -0.59 -11.95
CA THR A 224 7.82 -1.86 -12.59
C THR A 224 9.02 -2.57 -13.22
N SER A 225 9.96 -1.76 -13.70
CA SER A 225 11.18 -2.29 -14.33
C SER A 225 12.01 -3.05 -13.30
N TRP A 226 12.08 -2.49 -12.11
CA TRP A 226 12.82 -3.10 -11.00
C TRP A 226 12.06 -4.33 -10.53
N ILE A 227 10.75 -4.16 -10.43
CA ILE A 227 9.83 -5.24 -10.00
C ILE A 227 9.98 -6.42 -10.97
N LYS A 228 9.84 -6.09 -12.23
CA LYS A 228 9.95 -7.08 -13.32
C LYS A 228 11.20 -7.95 -13.24
N LYS A 229 12.33 -7.29 -13.23
CA LYS A 229 13.66 -7.91 -13.18
C LYS A 229 13.91 -8.80 -12.00
N VAL A 230 13.36 -8.41 -10.85
CA VAL A 230 13.54 -9.18 -9.61
C VAL A 230 12.79 -10.52 -9.71
N MET A 231 11.56 -10.44 -10.12
CA MET A 231 10.68 -11.61 -10.24
C MET A 231 11.31 -12.58 -11.26
N LYS A 232 12.01 -11.93 -12.16
CA LYS A 232 12.65 -12.65 -13.29
C LYS A 232 13.82 -13.47 -12.79
N GLU A 233 14.57 -12.90 -11.87
CA GLU A 233 15.73 -13.57 -11.27
C GLU A 233 15.34 -14.51 -10.16
N ASN A 234 14.08 -14.52 -9.78
CA ASN A 234 13.64 -15.37 -8.64
C ASN A 234 12.47 -16.25 -9.06
N PRO A 235 12.85 -17.22 -9.91
CA PRO A 235 11.91 -18.18 -10.51
C PRO A 235 11.19 -19.03 -9.46
ZN ZN B . 9.45 6.73 7.62
#